data_3N52
#
_entry.id   3N52
#
_cell.length_a   41.755
_cell.length_b   59.446
_cell.length_c   99.354
_cell.angle_alpha   90.00
_cell.angle_beta   90.00
_cell.angle_gamma   90.00
#
_symmetry.space_group_name_H-M   'P 21 21 21'
#
loop_
_entity.id
_entity.type
_entity.pdbx_description
1 polymer 'C-X-C motif chemokine 2'
2 water water
#
_entity_poly.entity_id   1
_entity_poly.type   'polypeptide(L)'
_entity_poly.pdbx_seq_one_letter_code
;AVVASELRCQCLKTLPRVDFKNIQSLSVTPPGPHCAQTEVIATLKGGQKVCLDPEAPLVQKIIQKILNKGKAN
;
_entity_poly.pdbx_strand_id   A,B,C,D
#
# COMPACT_ATOMS: atom_id res chain seq x y z
N SER A 5 14.99 -2.87 12.88
CA SER A 5 13.81 -3.44 12.18
C SER A 5 14.26 -4.31 11.03
N GLU A 6 13.49 -5.37 10.77
CA GLU A 6 13.71 -6.13 9.57
C GLU A 6 12.41 -6.58 8.88
N LEU A 7 12.23 -6.24 7.60
CA LEU A 7 11.05 -6.78 6.83
C LEU A 7 11.53 -7.96 6.06
N ARG A 8 10.59 -8.78 5.58
CA ARG A 8 10.91 -9.97 4.84
C ARG A 8 9.94 -10.10 3.68
N CYS A 9 10.17 -11.09 2.83
CA CYS A 9 9.25 -11.43 1.73
C CYS A 9 7.86 -11.68 2.29
N GLN A 10 6.82 -11.02 1.73
CA GLN A 10 5.51 -11.24 2.29
C GLN A 10 4.65 -12.32 1.67
N CYS A 11 5.21 -12.98 0.64
CA CYS A 11 4.49 -14.04 -0.07
C CYS A 11 4.96 -15.34 0.54
N LEU A 12 4.04 -16.09 1.09
CA LEU A 12 4.36 -17.57 1.38
C LEU A 12 4.35 -18.42 0.10
N LYS A 13 3.30 -18.19 -0.68
CA LYS A 13 3.06 -18.98 -1.95
C LYS A 13 2.77 -18.03 -3.06
N THR A 14 3.12 -18.42 -4.28
CA THR A 14 2.73 -17.62 -5.46
C THR A 14 1.75 -18.46 -6.32
N LEU A 15 0.75 -17.75 -6.80
CA LEU A 15 -0.29 -18.37 -7.59
C LEU A 15 -0.02 -18.18 -9.07
N PRO A 16 -0.52 -19.15 -9.91
CA PRO A 16 -0.30 -19.10 -11.34
C PRO A 16 -1.22 -18.09 -12.08
N ARG A 17 -2.35 -17.67 -11.53
CA ARG A 17 -3.26 -16.71 -12.29
C ARG A 17 -4.20 -16.08 -11.29
N VAL A 18 -4.92 -15.02 -11.73
CA VAL A 18 -6.18 -14.68 -11.16
C VAL A 18 -7.10 -14.27 -12.35
N ASP A 19 -8.37 -14.02 -12.15
CA ASP A 19 -9.16 -13.59 -13.32
C ASP A 19 -8.83 -12.08 -13.55
N PHE A 20 -8.49 -11.70 -14.78
CA PHE A 20 -8.25 -10.31 -15.12
C PHE A 20 -9.27 -9.34 -14.61
N LYS A 21 -10.53 -9.68 -14.78
CA LYS A 21 -11.58 -8.77 -14.54
C LYS A 21 -11.76 -8.46 -13.04
N ASN A 22 -11.28 -9.35 -12.18
CA ASN A 22 -11.34 -9.24 -10.73
C ASN A 22 -10.22 -8.43 -10.05
N ILE A 23 -9.31 -7.88 -10.86
CA ILE A 23 -8.10 -7.25 -10.22
C ILE A 23 -8.54 -5.84 -9.94
N GLN A 24 -8.44 -5.39 -8.69
CA GLN A 24 -8.61 -3.91 -8.41
C GLN A 24 -7.27 -3.19 -8.56
N SER A 25 -6.16 -3.80 -8.11
CA SER A 25 -4.82 -3.20 -8.34
C SER A 25 -3.76 -4.29 -8.10
N LEU A 26 -2.54 -3.99 -8.51
CA LEU A 26 -1.46 -4.89 -8.32
C LEU A 26 -0.28 -4.09 -7.83
N SER A 27 0.48 -4.66 -6.91
CA SER A 27 1.74 -3.97 -6.61
C SER A 27 2.88 -4.88 -7.02
N VAL A 28 3.93 -4.29 -7.61
CA VAL A 28 5.01 -5.09 -8.12
C VAL A 28 6.27 -4.54 -7.45
N THR A 29 7.05 -5.34 -6.73
CA THR A 29 8.14 -4.78 -5.94
C THR A 29 9.36 -5.55 -6.38
N PRO A 30 10.36 -4.85 -6.92
CA PRO A 30 11.55 -5.66 -7.29
C PRO A 30 12.39 -6.10 -6.03
N PRO A 31 13.42 -6.96 -6.18
CA PRO A 31 14.31 -7.37 -5.03
C PRO A 31 14.93 -6.16 -4.33
N GLY A 32 15.09 -6.23 -3.01
CA GLY A 32 15.71 -5.10 -2.36
C GLY A 32 16.17 -5.55 -1.00
N PRO A 33 16.44 -4.58 -0.08
CA PRO A 33 16.88 -4.98 1.29
C PRO A 33 15.88 -6.01 1.97
N HIS A 34 14.56 -5.84 1.80
CA HIS A 34 13.54 -6.79 2.34
C HIS A 34 13.46 -8.20 1.73
N CYS A 35 13.68 -8.35 0.41
CA CYS A 35 13.30 -9.64 -0.19
C CYS A 35 14.11 -9.87 -1.43
N ALA A 36 14.66 -11.08 -1.61
CA ALA A 36 15.47 -11.36 -2.80
C ALA A 36 14.68 -11.57 -4.10
N GLN A 37 13.35 -11.67 -3.99
CA GLN A 37 12.55 -12.05 -5.12
C GLN A 37 11.71 -10.81 -5.46
N THR A 38 11.36 -10.67 -6.73
CA THR A 38 10.25 -9.77 -7.13
C THR A 38 8.97 -10.31 -6.54
N GLU A 39 8.20 -9.44 -5.89
CA GLU A 39 6.89 -9.92 -5.42
C GLU A 39 5.78 -9.18 -6.11
N VAL A 40 4.76 -9.94 -6.51
CA VAL A 40 3.62 -9.30 -7.20
C VAL A 40 2.33 -9.64 -6.38
N ILE A 41 1.70 -8.59 -5.84
CA ILE A 41 0.55 -8.83 -4.99
C ILE A 41 -0.69 -8.25 -5.61
N ALA A 42 -1.69 -9.10 -5.92
CA ALA A 42 -2.89 -8.67 -6.59
C ALA A 42 -3.93 -8.38 -5.48
N THR A 43 -4.54 -7.17 -5.45
CA THR A 43 -5.68 -6.98 -4.55
C THR A 43 -6.91 -7.11 -5.44
N LEU A 44 -7.80 -8.00 -5.06
CA LEU A 44 -8.97 -8.27 -5.94
C LEU A 44 -10.12 -7.49 -5.48
N LYS A 45 -11.15 -7.40 -6.31
CA LYS A 45 -12.37 -6.60 -6.01
C LYS A 45 -13.15 -7.03 -4.75
N GLY A 46 -12.93 -8.21 -4.24
CA GLY A 46 -13.53 -8.53 -2.97
C GLY A 46 -12.62 -8.25 -1.79
N GLY A 47 -11.59 -7.46 -2.00
CA GLY A 47 -10.64 -7.27 -0.91
C GLY A 47 -9.53 -8.30 -0.75
N GLN A 48 -9.55 -9.41 -1.49
CA GLN A 48 -8.55 -10.50 -1.26
C GLN A 48 -7.22 -9.96 -1.66
N LYS A 49 -6.19 -10.38 -0.97
CA LYS A 49 -4.84 -10.15 -1.49
C LYS A 49 -4.18 -11.48 -1.83
N VAL A 50 -3.65 -11.58 -3.04
CA VAL A 50 -3.10 -12.85 -3.55
C VAL A 50 -1.64 -12.60 -4.06
N CYS A 51 -0.64 -13.42 -3.76
CA CYS A 51 0.69 -13.30 -4.41
C CYS A 51 0.76 -14.08 -5.75
N LEU A 52 1.21 -13.42 -6.83
CA LEU A 52 1.24 -14.03 -8.16
C LEU A 52 2.70 -14.38 -8.52
N ASP A 53 2.93 -15.44 -9.28
CA ASP A 53 4.23 -15.75 -9.71
C ASP A 53 4.70 -14.85 -10.82
N PRO A 54 5.76 -14.04 -10.56
CA PRO A 54 6.01 -12.99 -11.54
C PRO A 54 6.57 -13.57 -12.86
N GLU A 55 7.10 -14.81 -12.78
CA GLU A 55 7.69 -15.49 -13.96
C GLU A 55 6.67 -16.27 -14.74
N ALA A 56 5.47 -16.45 -14.20
CA ALA A 56 4.44 -17.24 -14.95
C ALA A 56 3.99 -16.48 -16.22
N PRO A 57 4.02 -17.16 -17.40
CA PRO A 57 3.61 -16.45 -18.59
C PRO A 57 2.17 -15.90 -18.44
N LEU A 58 1.25 -16.64 -17.86
CA LEU A 58 -0.14 -16.05 -17.70
C LEU A 58 -0.15 -14.78 -16.81
N VAL A 59 0.63 -14.81 -15.75
CA VAL A 59 0.68 -13.60 -14.89
C VAL A 59 1.30 -12.45 -15.67
N GLN A 60 2.41 -12.66 -16.37
CA GLN A 60 2.94 -11.55 -17.22
C GLN A 60 1.94 -11.06 -18.29
N LYS A 61 1.18 -11.99 -18.85
CA LYS A 61 0.16 -11.65 -19.84
C LYS A 61 -0.94 -10.79 -19.21
N ILE A 62 -1.35 -11.16 -18.00
CA ILE A 62 -2.39 -10.38 -17.33
C ILE A 62 -1.94 -8.93 -17.11
N ILE A 63 -0.71 -8.80 -16.62
CA ILE A 63 -0.10 -7.54 -16.38
C ILE A 63 -0.08 -6.71 -17.64
N GLN A 64 0.32 -7.35 -18.73
CA GLN A 64 0.33 -6.65 -20.00
C GLN A 64 -1.11 -6.17 -20.44
N LYS A 65 -2.08 -6.98 -20.18
CA LYS A 65 -3.47 -6.68 -20.59
C LYS A 65 -3.93 -5.45 -19.74
N ILE A 66 -3.57 -5.45 -18.45
CA ILE A 66 -3.76 -4.20 -17.66
C ILE A 66 -3.05 -2.98 -18.19
N LEU A 67 -1.74 -3.06 -18.46
CA LEU A 67 -0.99 -1.91 -18.99
C LEU A 67 -1.64 -1.38 -20.26
N ASN A 68 -2.17 -2.29 -21.05
CA ASN A 68 -2.78 -1.91 -22.35
C ASN A 68 -4.30 -1.54 -22.34
N LYS A 69 -4.93 -1.56 -21.18
CA LYS A 69 -6.40 -1.58 -21.06
C LYS A 69 -7.00 -0.16 -21.23
N GLY A 70 -6.15 0.86 -21.18
CA GLY A 70 -6.64 2.23 -21.10
C GLY A 70 -7.18 2.62 -22.45
N LYS A 71 -8.09 3.60 -22.43
CA LYS A 71 -8.65 4.14 -23.70
C LYS A 71 -8.19 5.60 -23.82
N VAL B 2 -15.70 7.13 -1.66
CA VAL B 2 -15.21 7.81 -0.43
C VAL B 2 -13.80 8.45 -0.60
N VAL B 3 -12.74 7.64 -0.73
CA VAL B 3 -11.36 8.16 -0.83
C VAL B 3 -11.02 8.84 -2.20
N ALA B 4 -10.09 9.81 -2.15
CA ALA B 4 -9.67 10.57 -3.34
C ALA B 4 -9.19 9.69 -4.49
N SER B 5 -8.46 8.60 -4.17
CA SER B 5 -7.87 7.77 -5.23
C SER B 5 -8.90 6.97 -5.99
N GLU B 6 -10.10 6.78 -5.44
CA GLU B 6 -11.14 6.09 -6.17
C GLU B 6 -12.15 7.06 -6.81
N LEU B 7 -11.84 8.35 -6.71
CA LEU B 7 -12.79 9.36 -7.24
C LEU B 7 -12.23 10.12 -8.43
N ARG B 8 -10.90 9.98 -8.64
CA ARG B 8 -10.24 10.62 -9.72
C ARG B 8 -8.90 9.82 -9.96
N CYS B 9 -8.33 9.99 -11.15
CA CYS B 9 -6.97 9.55 -11.41
C CYS B 9 -6.03 10.09 -10.31
N GLN B 10 -4.95 9.37 -10.02
CA GLN B 10 -4.02 9.79 -8.97
C GLN B 10 -2.86 10.60 -9.63
N CYS B 11 -2.69 10.42 -10.94
CA CYS B 11 -1.58 11.03 -11.71
C CYS B 11 -1.80 12.45 -12.24
N LEU B 12 -0.90 13.39 -11.97
CA LEU B 12 -1.01 14.72 -12.60
C LEU B 12 -0.35 14.79 -13.96
N LYS B 13 0.50 13.79 -14.26
CA LYS B 13 1.05 13.63 -15.60
C LYS B 13 1.82 12.32 -15.61
N THR B 14 2.26 11.90 -16.77
CA THR B 14 3.04 10.62 -16.82
C THR B 14 4.45 10.87 -17.36
N LEU B 15 5.37 10.02 -16.94
CA LEU B 15 6.69 10.00 -17.56
C LEU B 15 6.87 8.83 -18.57
N PRO B 16 7.68 9.07 -19.61
CA PRO B 16 8.05 8.10 -20.68
C PRO B 16 9.02 7.03 -20.27
N ARG B 17 9.82 7.32 -19.25
CA ARG B 17 10.65 6.28 -18.60
C ARG B 17 11.19 6.71 -17.24
N VAL B 18 11.97 5.85 -16.59
CA VAL B 18 12.64 6.25 -15.34
C VAL B 18 13.83 5.30 -15.30
N ASP B 19 14.85 5.64 -14.54
CA ASP B 19 15.94 4.71 -14.27
C ASP B 19 15.37 3.52 -13.50
N PHE B 20 15.41 2.28 -14.03
CA PHE B 20 14.67 1.27 -13.24
C PHE B 20 15.23 0.92 -11.90
N LYS B 21 16.54 1.00 -11.75
CA LYS B 21 17.10 0.77 -10.41
C LYS B 21 16.66 1.77 -9.36
N ASN B 22 16.25 2.97 -9.78
CA ASN B 22 15.56 3.92 -8.84
C ASN B 22 14.22 3.44 -8.22
N ILE B 23 13.58 2.50 -8.90
CA ILE B 23 12.21 2.08 -8.47
C ILE B 23 12.26 1.16 -7.23
N GLN B 24 11.58 1.59 -6.18
CA GLN B 24 11.38 0.77 -4.93
C GLN B 24 10.15 -0.13 -5.12
N SER B 25 9.04 0.41 -5.69
CA SER B 25 7.88 -0.46 -6.00
C SER B 25 6.99 0.27 -6.99
N LEU B 26 5.99 -0.45 -7.52
CA LEU B 26 5.06 0.07 -8.51
C LEU B 26 3.68 -0.41 -8.03
N SER B 27 2.66 0.43 -8.20
CA SER B 27 1.30 -0.06 -8.17
C SER B 27 0.67 0.18 -9.51
N VAL B 28 -0.10 -0.79 -9.94
CA VAL B 28 -0.70 -0.74 -11.26
C VAL B 28 -2.20 -0.86 -11.10
N THR B 29 -2.99 0.13 -11.61
CA THR B 29 -4.41 0.16 -11.36
C THR B 29 -5.11 0.22 -12.72
N PRO B 30 -5.98 -0.76 -13.06
CA PRO B 30 -6.59 -0.66 -14.41
C PRO B 30 -7.65 0.44 -14.42
N PRO B 31 -8.11 0.88 -15.61
CA PRO B 31 -9.13 1.96 -15.54
C PRO B 31 -10.44 1.57 -14.87
N GLY B 32 -11.21 2.56 -14.51
CA GLY B 32 -12.51 2.27 -13.88
C GLY B 32 -13.35 3.53 -13.95
N PRO B 33 -14.44 3.59 -13.16
CA PRO B 33 -15.40 4.71 -13.24
C PRO B 33 -14.72 6.10 -13.16
N HIS B 34 -13.83 6.21 -12.20
CA HIS B 34 -13.04 7.40 -11.84
C HIS B 34 -11.88 7.80 -12.83
N CYS B 35 -11.37 6.83 -13.61
CA CYS B 35 -10.16 7.07 -14.39
C CYS B 35 -10.14 6.24 -15.68
N ALA B 36 -10.09 6.93 -16.81
CA ALA B 36 -10.03 6.36 -18.14
C ALA B 36 -8.74 5.57 -18.45
N GLN B 37 -7.70 5.91 -17.72
CA GLN B 37 -6.36 5.34 -18.01
C GLN B 37 -5.94 4.30 -16.98
N THR B 38 -5.15 3.30 -17.44
CA THR B 38 -4.35 2.54 -16.40
C THR B 38 -3.36 3.48 -15.71
N GLU B 39 -3.17 3.33 -14.40
CA GLU B 39 -2.12 4.15 -13.76
C GLU B 39 -1.05 3.29 -13.21
N VAL B 40 0.17 3.71 -13.51
CA VAL B 40 1.39 2.97 -12.98
C VAL B 40 2.11 3.98 -12.11
N ILE B 41 2.00 3.79 -10.79
CA ILE B 41 2.65 4.71 -9.85
C ILE B 41 3.91 4.04 -9.36
N ALA B 42 5.06 4.60 -9.67
CA ALA B 42 6.36 4.09 -9.16
C ALA B 42 6.78 4.93 -7.96
N THR B 43 7.04 4.26 -6.84
CA THR B 43 7.60 4.92 -5.74
C THR B 43 9.10 4.76 -5.92
N LEU B 44 9.81 5.90 -5.95
CA LEU B 44 11.26 5.85 -6.20
C LEU B 44 11.95 5.87 -4.84
N LYS B 45 13.20 5.41 -4.79
CA LYS B 45 14.05 5.55 -3.60
C LYS B 45 14.05 7.02 -3.20
N GLY B 46 13.96 7.24 -1.89
CA GLY B 46 13.74 8.57 -1.31
C GLY B 46 12.27 8.94 -1.10
N GLY B 47 11.38 8.11 -1.66
CA GLY B 47 9.94 8.23 -1.42
C GLY B 47 9.07 8.94 -2.43
N GLN B 48 9.63 9.68 -3.43
CA GLN B 48 8.73 10.35 -4.43
C GLN B 48 7.94 9.37 -5.28
N LYS B 49 6.63 9.57 -5.41
CA LYS B 49 5.82 8.77 -6.34
C LYS B 49 5.73 9.53 -7.66
N VAL B 50 5.91 8.83 -8.76
CA VAL B 50 5.85 9.41 -10.12
C VAL B 50 4.98 8.44 -10.93
N CYS B 51 4.17 8.94 -11.90
CA CYS B 51 3.48 7.95 -12.75
C CYS B 51 4.26 7.73 -14.07
N LEU B 52 4.16 6.49 -14.56
CA LEU B 52 4.79 6.08 -15.81
C LEU B 52 3.71 5.85 -16.80
N ASP B 53 3.96 6.27 -18.05
CA ASP B 53 2.98 6.02 -19.09
C ASP B 53 2.87 4.53 -19.36
N PRO B 54 1.70 3.93 -19.14
CA PRO B 54 1.64 2.46 -19.25
C PRO B 54 1.73 1.93 -20.68
N GLU B 55 1.50 2.82 -21.64
CA GLU B 55 1.73 2.34 -23.01
C GLU B 55 3.01 2.78 -23.65
N ALA B 56 3.91 3.44 -22.91
CA ALA B 56 5.28 3.67 -23.42
C ALA B 56 5.98 2.28 -23.52
N PRO B 57 6.54 1.95 -24.71
CA PRO B 57 7.34 0.71 -24.77
C PRO B 57 8.43 0.56 -23.74
N LEU B 58 9.16 1.64 -23.42
CA LEU B 58 10.22 1.51 -22.43
C LEU B 58 9.63 1.19 -21.05
N VAL B 59 8.44 1.70 -20.77
CA VAL B 59 7.80 1.39 -19.45
C VAL B 59 7.30 -0.06 -19.40
N GLN B 60 6.74 -0.55 -20.49
CA GLN B 60 6.39 -1.98 -20.48
C GLN B 60 7.66 -2.88 -20.36
N LYS B 61 8.76 -2.44 -20.94
CA LYS B 61 10.04 -3.20 -20.93
C LYS B 61 10.67 -3.20 -19.51
N ILE B 62 10.62 -2.06 -18.84
CA ILE B 62 10.98 -1.92 -17.43
C ILE B 62 10.17 -2.90 -16.58
N ILE B 63 8.87 -2.97 -16.80
CA ILE B 63 8.07 -3.87 -15.95
C ILE B 63 8.40 -5.31 -16.25
N GLN B 64 8.61 -5.62 -17.54
CA GLN B 64 9.05 -6.99 -17.86
C GLN B 64 10.40 -7.30 -17.14
N LYS B 65 11.36 -6.37 -17.18
CA LYS B 65 12.64 -6.66 -16.50
C LYS B 65 12.44 -6.92 -15.02
N ILE B 66 11.59 -6.14 -14.39
CA ILE B 66 11.29 -6.41 -12.97
C ILE B 66 10.72 -7.82 -12.77
N LEU B 67 9.71 -8.15 -13.55
CA LEU B 67 9.07 -9.47 -13.41
C LEU B 67 10.08 -10.61 -13.62
N ASN B 68 11.08 -10.37 -14.52
CA ASN B 68 12.01 -11.45 -14.93
C ASN B 68 13.33 -11.46 -14.16
N LYS B 69 13.42 -10.64 -13.10
CA LYS B 69 14.69 -10.48 -12.39
C LYS B 69 15.29 -11.83 -11.97
N GLY B 70 14.42 -12.75 -11.57
CA GLY B 70 14.93 -13.96 -10.91
C GLY B 70 15.07 -15.17 -11.82
N LYS B 71 14.83 -15.01 -13.11
CA LYS B 71 14.99 -16.15 -14.01
C LYS B 71 16.44 -16.17 -14.49
N ALA B 72 16.86 -17.33 -14.99
CA ALA B 72 18.26 -17.54 -15.41
C ALA B 72 18.46 -17.12 -16.87
N SER C 5 -1.36 -20.27 3.45
CA SER C 5 -1.92 -18.96 3.10
C SER C 5 -1.24 -18.65 1.77
N GLU C 6 -1.55 -17.55 1.08
CA GLU C 6 -0.58 -17.01 0.10
C GLU C 6 0.22 -15.84 0.70
N LEU C 7 -0.38 -14.89 1.46
CA LEU C 7 0.45 -13.86 2.17
C LEU C 7 0.94 -14.39 3.55
N ARG C 8 1.99 -13.82 4.13
CA ARG C 8 2.41 -14.21 5.46
C ARG C 8 2.79 -12.96 6.25
N CYS C 9 3.27 -13.11 7.49
CA CYS C 9 3.75 -11.91 8.27
C CYS C 9 4.90 -11.26 7.49
N GLN C 10 4.89 -9.94 7.40
CA GLN C 10 5.88 -9.20 6.68
C GLN C 10 7.05 -8.85 7.57
N CYS C 11 6.86 -8.89 8.86
CA CYS C 11 7.92 -8.44 9.78
C CYS C 11 8.79 -9.63 10.27
N LEU C 12 10.11 -9.47 10.22
CA LEU C 12 11.06 -10.37 10.92
C LEU C 12 11.37 -9.95 12.35
N LYS C 13 11.60 -8.65 12.53
CA LYS C 13 11.90 -8.13 13.87
C LYS C 13 11.22 -6.77 13.94
N THR C 14 10.70 -6.44 15.12
CA THR C 14 10.00 -5.14 15.25
C THR C 14 10.77 -4.22 16.18
N LEU C 15 10.62 -2.92 15.99
CA LEU C 15 11.35 -1.93 16.80
C LEU C 15 10.42 -1.42 17.88
N PRO C 16 10.95 -1.17 19.09
CA PRO C 16 10.15 -0.64 20.17
C PRO C 16 10.11 0.91 20.18
N ARG C 17 10.76 1.55 19.22
CA ARG C 17 10.77 3.04 19.19
C ARG C 17 10.85 3.52 17.73
N VAL C 18 10.40 4.73 17.44
CA VAL C 18 10.61 5.24 16.10
C VAL C 18 10.71 6.76 16.27
N ASP C 19 11.49 7.39 15.40
CA ASP C 19 11.68 8.84 15.50
C ASP C 19 10.38 9.40 14.87
N PHE C 20 9.45 9.69 15.76
CA PHE C 20 8.12 10.27 15.44
C PHE C 20 8.07 11.24 14.23
N LYS C 21 8.95 12.23 14.21
CA LYS C 21 8.88 13.27 13.16
C LYS C 21 9.27 12.73 11.83
N ASN C 22 9.84 11.52 11.80
CA ASN C 22 10.17 10.97 10.45
C ASN C 22 9.10 9.99 9.91
N ILE C 23 7.97 9.83 10.60
CA ILE C 23 6.88 9.01 10.05
C ILE C 23 6.05 9.71 8.93
N GLN C 24 5.98 9.08 7.79
CA GLN C 24 5.08 9.49 6.76
C GLN C 24 3.69 8.81 6.86
N SER C 25 3.65 7.51 7.09
CA SER C 25 2.37 6.83 7.31
C SER C 25 2.59 5.51 8.03
N LEU C 26 1.51 5.00 8.61
CA LEU C 26 1.54 3.69 9.31
C LEU C 26 0.44 2.83 8.67
N SER C 27 0.76 1.55 8.54
CA SER C 27 -0.22 0.60 8.11
C SER C 27 -0.45 -0.29 9.33
N VAL C 28 -1.68 -0.56 9.73
CA VAL C 28 -1.86 -1.33 10.93
C VAL C 28 -2.78 -2.47 10.52
N THR C 29 -2.33 -3.74 10.65
CA THR C 29 -3.16 -4.84 10.06
C THR C 29 -3.41 -5.86 11.21
N PRO C 30 -4.67 -6.04 11.61
CA PRO C 30 -4.92 -6.94 12.72
C PRO C 30 -4.59 -8.42 12.30
N PRO C 31 -4.51 -9.34 13.27
CA PRO C 31 -4.35 -10.75 12.87
C PRO C 31 -5.44 -11.24 11.93
N GLY C 32 -5.10 -12.26 11.17
CA GLY C 32 -5.98 -12.84 10.12
C GLY C 32 -5.35 -14.15 9.61
N PRO C 33 -5.96 -14.77 8.61
CA PRO C 33 -5.37 -16.03 8.09
C PRO C 33 -3.99 -15.78 7.55
N HIS C 34 -3.72 -14.56 7.04
CA HIS C 34 -2.31 -14.19 6.62
C HIS C 34 -1.21 -14.20 7.77
N CYS C 35 -1.58 -13.85 9.00
CA CYS C 35 -0.56 -13.61 10.07
C CYS C 35 -1.24 -13.66 11.45
N ALA C 36 -0.67 -14.42 12.37
CA ALA C 36 -1.23 -14.58 13.73
C ALA C 36 -1.18 -13.32 14.59
N GLN C 37 -0.42 -12.30 14.20
CA GLN C 37 -0.26 -11.14 15.08
C GLN C 37 -0.49 -9.88 14.36
N THR C 38 -0.77 -8.84 15.12
CA THR C 38 -0.99 -7.54 14.53
C THR C 38 0.38 -7.09 13.95
N GLU C 39 0.40 -6.41 12.79
CA GLU C 39 1.68 -5.87 12.29
C GLU C 39 1.55 -4.36 12.05
N VAL C 40 2.60 -3.60 12.38
CA VAL C 40 2.59 -2.17 12.18
C VAL C 40 3.80 -1.90 11.32
N ILE C 41 3.57 -1.37 10.13
CA ILE C 41 4.69 -0.98 9.25
C ILE C 41 4.64 0.49 9.08
N ALA C 42 5.73 1.15 9.45
CA ALA C 42 5.83 2.60 9.40
C ALA C 42 6.56 2.85 8.05
N THR C 43 5.93 3.63 7.16
CA THR C 43 6.70 4.24 6.07
C THR C 43 7.27 5.60 6.51
N LEU C 44 8.59 5.72 6.54
CA LEU C 44 9.22 6.99 6.82
C LEU C 44 9.26 7.96 5.64
N LYS C 45 9.66 9.20 5.93
CA LYS C 45 9.59 10.28 4.91
C LYS C 45 10.58 10.13 3.73
N GLY C 46 11.57 9.28 3.87
CA GLY C 46 12.50 9.00 2.80
C GLY C 46 12.03 7.71 2.10
N GLY C 47 10.81 7.27 2.39
CA GLY C 47 10.27 6.04 1.74
C GLY C 47 10.70 4.70 2.36
N GLN C 48 11.52 4.72 3.38
CA GLN C 48 12.03 3.48 4.07
C GLN C 48 10.88 2.87 4.87
N LYS C 49 10.85 1.54 5.01
CA LYS C 49 9.75 0.94 5.79
C LYS C 49 10.37 0.28 6.96
N VAL C 50 9.73 0.44 8.14
CA VAL C 50 10.23 -0.29 9.30
C VAL C 50 9.09 -0.90 10.05
N CYS C 51 9.35 -2.03 10.70
CA CYS C 51 8.37 -2.71 11.54
C CYS C 51 8.44 -2.22 12.98
N LEU C 52 7.26 -1.85 13.54
CA LEU C 52 7.17 -1.37 14.92
C LEU C 52 6.38 -2.40 15.78
N ASP C 53 6.78 -2.51 17.03
CA ASP C 53 6.16 -3.50 17.95
C ASP C 53 4.85 -2.92 18.42
N PRO C 54 3.72 -3.52 18.01
CA PRO C 54 2.40 -2.95 18.33
C PRO C 54 2.13 -2.92 19.86
N GLU C 55 2.80 -3.79 20.61
CA GLU C 55 2.54 -3.82 22.02
C GLU C 55 3.48 -2.94 22.81
N ALA C 56 4.49 -2.36 22.18
CA ALA C 56 5.43 -1.48 22.86
C ALA C 56 4.67 -0.17 23.30
N PRO C 57 4.83 0.21 24.58
CA PRO C 57 4.14 1.45 25.01
C PRO C 57 4.41 2.69 24.21
N LEU C 58 5.66 2.89 23.89
CA LEU C 58 6.11 4.08 23.20
C LEU C 58 5.46 4.11 21.79
N VAL C 59 5.37 2.94 21.14
CA VAL C 59 4.66 2.86 19.84
C VAL C 59 3.17 3.18 19.95
N GLN C 60 2.49 2.61 20.94
CA GLN C 60 1.07 2.98 21.15
C GLN C 60 0.93 4.45 21.47
N LYS C 61 1.81 4.99 22.30
CA LYS C 61 1.69 6.40 22.61
C LYS C 61 1.92 7.29 21.39
N ILE C 62 2.88 6.94 20.55
CA ILE C 62 3.16 7.73 19.32
C ILE C 62 1.97 7.66 18.34
N ILE C 63 1.32 6.51 18.29
CA ILE C 63 0.13 6.39 17.43
C ILE C 63 -1.01 7.25 17.98
N GLN C 64 -1.18 7.23 19.31
CA GLN C 64 -2.15 8.15 19.91
C GLN C 64 -1.82 9.65 19.60
N LYS C 65 -0.58 10.06 19.76
CA LYS C 65 -0.12 11.39 19.41
C LYS C 65 -0.53 11.79 17.98
N ILE C 66 -0.32 10.89 17.03
CA ILE C 66 -0.57 11.10 15.59
C ILE C 66 -2.08 11.36 15.37
N LEU C 67 -2.92 10.57 16.04
CA LEU C 67 -4.35 10.68 15.92
C LEU C 67 -4.87 11.97 16.50
N ASN C 68 -4.12 12.61 17.43
CA ASN C 68 -4.49 13.93 17.95
C ASN C 68 -3.73 15.10 17.29
N LYS C 69 -2.93 14.84 16.28
CA LYS C 69 -2.00 15.85 15.72
C LYS C 69 -2.59 16.79 14.67
N GLY C 70 -3.75 16.48 14.07
CA GLY C 70 -4.37 17.35 13.02
C GLY C 70 -4.80 18.74 13.55
N LYS C 71 -4.93 19.74 12.66
CA LYS C 71 -5.25 21.18 12.99
C LYS C 71 -6.68 21.48 12.60
N ALA D 1 4.22 16.27 -5.85
CA ALA D 1 3.93 17.20 -6.98
C ALA D 1 3.51 16.59 -8.29
N VAL D 2 3.72 15.30 -8.52
CA VAL D 2 3.31 14.70 -9.79
C VAL D 2 2.17 13.69 -9.56
N VAL D 3 1.89 13.40 -8.28
CA VAL D 3 0.80 12.45 -7.96
C VAL D 3 -0.07 13.21 -6.97
N ALA D 4 -1.38 12.93 -6.96
CA ALA D 4 -2.36 13.69 -6.09
C ALA D 4 -2.18 13.47 -4.61
N SER D 5 -1.69 12.30 -4.22
CA SER D 5 -1.59 11.99 -2.79
C SER D 5 -0.55 12.86 -2.14
N GLU D 6 0.27 13.56 -2.92
CA GLU D 6 1.31 14.40 -2.29
C GLU D 6 0.86 15.85 -2.15
N LEU D 7 -0.30 16.19 -2.78
CA LEU D 7 -0.83 17.56 -2.73
C LEU D 7 -2.18 17.75 -2.03
N ARG D 8 -2.95 16.67 -1.77
CA ARG D 8 -4.27 16.86 -1.13
C ARG D 8 -4.63 15.77 -0.15
N CYS D 9 -5.60 16.04 0.71
CA CYS D 9 -6.10 15.05 1.63
C CYS D 9 -6.74 13.94 0.84
N GLN D 10 -6.68 12.73 1.33
CA GLN D 10 -7.37 11.55 0.69
C GLN D 10 -8.83 11.48 1.02
N CYS D 11 -9.22 12.06 2.18
CA CYS D 11 -10.57 11.90 2.73
C CYS D 11 -11.44 13.14 2.46
N LEU D 12 -12.64 12.94 1.96
CA LEU D 12 -13.53 14.10 1.80
C LEU D 12 -14.46 14.27 2.98
N LYS D 13 -14.72 13.15 3.67
CA LYS D 13 -15.50 13.22 4.90
C LYS D 13 -15.16 11.95 5.68
N THR D 14 -15.43 11.94 6.97
CA THR D 14 -15.03 10.82 7.76
C THR D 14 -16.27 10.25 8.44
N LEU D 15 -16.19 9.03 8.95
CA LEU D 15 -17.27 8.34 9.71
C LEU D 15 -16.87 8.31 11.14
N PRO D 16 -17.84 8.56 12.06
CA PRO D 16 -17.49 8.52 13.47
C PRO D 16 -17.37 7.12 14.04
N ARG D 17 -17.79 6.09 13.29
CA ARG D 17 -17.69 4.72 13.73
C ARG D 17 -17.68 3.68 12.62
N VAL D 18 -17.11 2.52 12.94
CA VAL D 18 -17.20 1.32 12.14
C VAL D 18 -17.20 0.14 13.07
N ASP D 19 -17.74 -0.95 12.54
CA ASP D 19 -17.73 -2.20 13.26
C ASP D 19 -16.31 -2.76 13.31
N PHE D 20 -15.75 -2.84 14.51
CA PHE D 20 -14.40 -3.32 14.72
C PHE D 20 -14.01 -4.63 14.01
N LYS D 21 -14.90 -5.65 14.13
CA LYS D 21 -14.60 -6.95 13.50
C LYS D 21 -14.60 -6.90 12.00
N ASN D 22 -15.18 -5.85 11.36
CA ASN D 22 -15.13 -5.66 9.90
C ASN D 22 -13.81 -5.04 9.33
N ILE D 23 -12.86 -4.74 10.22
CA ILE D 23 -11.60 -4.13 9.76
C ILE D 23 -10.54 -5.12 9.26
N GLN D 24 -10.11 -4.95 8.04
CA GLN D 24 -9.07 -5.81 7.56
C GLN D 24 -7.71 -5.11 7.68
N SER D 25 -7.65 -3.79 7.45
CA SER D 25 -6.39 -3.05 7.78
C SER D 25 -6.68 -1.56 7.91
N LEU D 26 -5.72 -0.80 8.45
CA LEU D 26 -5.96 0.64 8.61
C LEU D 26 -4.68 1.35 8.12
N SER D 27 -4.79 2.53 7.51
CA SER D 27 -3.59 3.32 7.37
C SER D 27 -3.82 4.57 8.17
N VAL D 28 -2.75 5.01 8.80
CA VAL D 28 -2.80 6.21 9.61
C VAL D 28 -1.74 7.16 9.09
N THR D 29 -2.14 8.36 8.60
CA THR D 29 -1.11 9.26 8.01
C THR D 29 -1.15 10.61 8.81
N PRO D 30 -0.04 11.01 9.43
CA PRO D 30 -0.08 12.28 10.16
C PRO D 30 -0.14 13.47 9.17
N PRO D 31 -0.44 14.69 9.67
CA PRO D 31 -0.52 15.85 8.81
C PRO D 31 0.78 16.02 8.05
N GLY D 32 0.76 16.59 6.87
CA GLY D 32 1.98 16.79 6.05
C GLY D 32 1.78 17.94 5.05
N PRO D 33 2.75 18.16 4.09
CA PRO D 33 2.53 19.16 2.97
C PRO D 33 1.16 19.00 2.27
N HIS D 34 0.61 17.78 2.30
CA HIS D 34 -0.63 17.43 1.53
C HIS D 34 -1.92 17.66 2.32
N CYS D 35 -1.88 17.81 3.64
CA CYS D 35 -3.10 17.71 4.42
C CYS D 35 -2.85 18.12 5.83
N ALA D 36 -3.63 19.07 6.32
CA ALA D 36 -3.45 19.56 7.69
C ALA D 36 -3.97 18.64 8.74
N GLN D 37 -4.78 17.63 8.38
CA GLN D 37 -5.43 16.76 9.40
C GLN D 37 -4.75 15.40 9.35
N THR D 38 -4.84 14.63 10.43
CA THR D 38 -4.42 13.23 10.34
C THR D 38 -5.51 12.48 9.59
N GLU D 39 -5.14 11.48 8.78
CA GLU D 39 -6.15 10.72 8.08
C GLU D 39 -6.10 9.26 8.40
N VAL D 40 -7.26 8.65 8.63
CA VAL D 40 -7.31 7.23 8.99
C VAL D 40 -8.21 6.59 7.93
N ILE D 41 -7.64 5.65 7.17
CA ILE D 41 -8.47 4.98 6.18
C ILE D 41 -8.51 3.47 6.55
N ALA D 42 -9.73 2.95 6.74
CA ALA D 42 -9.89 1.59 7.13
C ALA D 42 -10.33 0.84 5.87
N THR D 43 -9.65 -0.25 5.60
CA THR D 43 -10.06 -1.20 4.61
C THR D 43 -10.86 -2.29 5.31
N LEU D 44 -12.08 -2.37 4.89
CA LEU D 44 -13.04 -3.30 5.53
C LEU D 44 -12.97 -4.67 4.80
N LYS D 45 -13.56 -5.68 5.44
CA LYS D 45 -13.60 -6.98 4.83
C LYS D 45 -14.53 -6.80 3.69
N GLY D 46 -14.15 -7.34 2.50
CA GLY D 46 -14.96 -7.12 1.30
C GLY D 46 -14.31 -6.06 0.44
N GLY D 47 -13.35 -5.32 0.98
CA GLY D 47 -12.58 -4.32 0.18
C GLY D 47 -12.92 -2.85 0.23
N GLN D 48 -14.10 -2.55 0.75
CA GLN D 48 -14.54 -1.14 0.81
C GLN D 48 -13.54 -0.33 1.72
N LYS D 49 -13.16 0.85 1.28
CA LYS D 49 -12.33 1.73 2.08
C LYS D 49 -13.19 2.88 2.57
N VAL D 50 -13.03 3.19 3.85
CA VAL D 50 -13.77 4.27 4.47
C VAL D 50 -12.83 5.13 5.32
N CYS D 51 -13.10 6.43 5.36
CA CYS D 51 -12.35 7.32 6.22
C CYS D 51 -12.96 7.45 7.59
N LEU D 52 -12.11 7.28 8.59
CA LEU D 52 -12.56 7.36 10.02
C LEU D 52 -12.13 8.68 10.61
N ASP D 53 -12.93 9.25 11.52
CA ASP D 53 -12.49 10.43 12.22
C ASP D 53 -11.37 10.09 13.26
N PRO D 54 -10.12 10.60 13.10
CA PRO D 54 -9.01 10.24 14.00
C PRO D 54 -9.24 10.78 15.41
N GLU D 55 -10.01 11.84 15.55
CA GLU D 55 -10.33 12.35 16.91
C GLU D 55 -11.48 11.69 17.67
N ALA D 56 -12.26 10.80 17.00
CA ALA D 56 -13.38 10.09 17.63
C ALA D 56 -12.85 9.12 18.67
N PRO D 57 -13.42 9.20 19.90
CA PRO D 57 -12.77 8.29 20.88
C PRO D 57 -12.93 6.83 20.53
N LEU D 58 -14.03 6.50 19.87
CA LEU D 58 -14.24 5.13 19.48
C LEU D 58 -13.16 4.69 18.44
N VAL D 59 -12.76 5.61 17.56
CA VAL D 59 -11.72 5.31 16.54
C VAL D 59 -10.37 5.02 17.20
N GLN D 60 -10.00 5.88 18.14
CA GLN D 60 -8.77 5.72 18.90
C GLN D 60 -8.75 4.44 19.68
N LYS D 61 -9.88 4.07 20.24
CA LYS D 61 -10.03 2.75 20.95
C LYS D 61 -9.91 1.49 20.03
N ILE D 62 -10.52 1.53 18.85
CA ILE D 62 -10.40 0.47 17.87
C ILE D 62 -8.95 0.27 17.55
N ILE D 63 -8.22 1.37 17.39
CA ILE D 63 -6.83 1.24 17.02
C ILE D 63 -6.09 0.62 18.18
N GLN D 64 -6.41 1.05 19.44
CA GLN D 64 -5.75 0.45 20.57
C GLN D 64 -6.06 -1.05 20.66
N LYS D 65 -7.31 -1.45 20.39
CA LYS D 65 -7.74 -2.84 20.48
C LYS D 65 -6.91 -3.69 19.50
N ILE D 66 -6.72 -3.13 18.29
CA ILE D 66 -5.86 -3.81 17.29
C ILE D 66 -4.35 -3.93 17.68
N LEU D 67 -3.78 -2.84 18.18
CA LEU D 67 -2.41 -2.88 18.69
C LEU D 67 -2.16 -3.95 19.78
N ASN D 68 -3.15 -4.12 20.64
CA ASN D 68 -3.04 -5.11 21.66
C ASN D 68 -3.51 -6.51 21.24
N LYS D 69 -3.90 -6.77 19.97
CA LYS D 69 -4.46 -8.10 19.50
C LYS D 69 -3.38 -9.06 19.01
N GLY D 70 -2.27 -8.51 18.54
CA GLY D 70 -1.05 -9.24 18.21
C GLY D 70 -0.06 -8.16 18.58
#